data_5VYM
#
_entry.id   5VYM
#
_cell.length_a   90.549
_cell.length_b   90.549
_cell.length_c   278.000
_cell.angle_alpha   90.000
_cell.angle_beta   90.000
_cell.angle_gamma   120.000
#
_symmetry.space_group_name_H-M   'P 61 2 2'
#
loop_
_entity.id
_entity.type
_entity.pdbx_description
1 polymer 'Beta-galactosidase BgaB'
2 water water
#
_entity_poly.entity_id   1
_entity_poly.type   'polypeptide(L)'
_entity_poly.pdbx_seq_one_letter_code
;SNAHSDTAILFSAESEWATRSQTLPSMKLNHWHDVRDWYRAFLDAGSRADIVPLAYDWSSYKTVVLPTVLILSAADTQRL
ADFAAAGGRVVVGYATGLIDEHFHTWLGGYPGAGDGLLRSMLGVRGEEFNILGAEAEGEPGEIRLSSADDSAALDGTTTR
LWQNDVNVTGEHAQVLATYAGEEADEWELDGTAAVTRNPYGSGEAYFVGCDLDVADLTKLVRAYLAASSQEN
;
_entity_poly.pdbx_strand_id   A,B
#
# COMPACT_ATOMS: atom_id res chain seq x y z
N ALA A 3 -15.54 -2.03 29.95
CA ALA A 3 -16.24 -3.15 29.33
C ALA A 3 -15.25 -4.24 28.92
N HIS A 4 -14.45 -3.96 27.90
CA HIS A 4 -13.48 -4.90 27.37
C HIS A 4 -12.07 -4.31 27.49
N SER A 5 -11.08 -5.15 27.17
CA SER A 5 -9.69 -4.75 27.26
C SER A 5 -9.35 -3.73 26.16
N ASP A 6 -8.14 -3.16 26.26
CA ASP A 6 -7.64 -2.27 25.23
C ASP A 6 -7.00 -3.03 24.08
N THR A 7 -6.66 -4.30 24.28
CA THR A 7 -5.95 -5.09 23.28
C THR A 7 -6.78 -6.31 22.91
N ALA A 8 -6.93 -6.56 21.62
CA ALA A 8 -7.61 -7.74 21.11
C ALA A 8 -6.62 -8.59 20.33
N ILE A 9 -6.57 -9.87 20.65
CA ILE A 9 -5.79 -10.84 19.90
C ILE A 9 -6.75 -11.55 18.96
N LEU A 10 -6.56 -11.35 17.66
CA LEU A 10 -7.52 -11.83 16.68
C LEU A 10 -7.31 -13.32 16.42
N PHE A 11 -8.38 -14.10 16.55
CA PHE A 11 -8.37 -15.53 16.29
C PHE A 11 -9.10 -15.81 14.98
N SER A 12 -8.43 -16.53 14.08
CA SER A 12 -8.98 -16.88 12.78
C SER A 12 -9.20 -18.39 12.74
N ALA A 13 -10.47 -18.79 12.71
CA ALA A 13 -10.78 -20.22 12.60
C ALA A 13 -10.24 -20.81 11.31
N GLU A 14 -10.21 -20.03 10.23
CA GLU A 14 -9.64 -20.50 8.97
C GLU A 14 -8.13 -20.74 9.11
N SER A 15 -7.43 -19.84 9.79
CA SER A 15 -6.00 -20.03 10.00
C SER A 15 -5.72 -21.23 10.89
N GLU A 16 -6.55 -21.44 11.92
CA GLU A 16 -6.39 -22.63 12.75
C GLU A 16 -6.66 -23.89 11.96
N TRP A 17 -7.65 -23.87 11.08
CA TRP A 17 -7.89 -25.02 10.20
C TRP A 17 -6.71 -25.25 9.27
N ALA A 18 -6.09 -24.18 8.79
CA ALA A 18 -5.00 -24.32 7.83
C ALA A 18 -3.74 -24.85 8.48
N THR A 19 -3.38 -24.33 9.65
CA THR A 19 -2.17 -24.77 10.34
C THR A 19 -2.33 -26.14 11.00
N ARG A 20 -3.57 -26.60 11.20
CA ARG A 20 -3.84 -27.92 11.77
C ARG A 20 -3.84 -29.02 10.71
N SER A 21 -3.12 -28.83 9.61
CA SER A 21 -3.06 -29.82 8.56
C SER A 21 -1.79 -29.71 7.74
N MET A 27 4.94 -26.79 8.52
CA MET A 27 4.40 -27.58 9.61
C MET A 27 4.77 -26.99 10.96
N LYS A 28 5.70 -26.04 10.95
CA LYS A 28 6.16 -25.38 12.16
C LYS A 28 5.26 -24.22 12.59
N LEU A 29 4.06 -24.12 12.04
CA LEU A 29 3.12 -23.06 12.36
C LEU A 29 1.93 -23.62 13.12
N ASN A 30 1.44 -22.85 14.08
CA ASN A 30 0.26 -23.24 14.86
C ASN A 30 -0.43 -21.96 15.32
N HIS A 31 -1.57 -21.65 14.71
CA HIS A 31 -2.23 -20.38 14.99
C HIS A 31 -2.69 -20.28 16.43
N TRP A 32 -3.38 -21.31 16.92
CA TRP A 32 -3.95 -21.23 18.26
C TRP A 32 -2.86 -21.16 19.33
N HIS A 33 -1.76 -21.90 19.13
CA HIS A 33 -0.64 -21.82 20.06
C HIS A 33 -0.03 -20.42 20.08
N ASP A 34 0.02 -19.77 18.91
CA ASP A 34 0.57 -18.42 18.85
C ASP A 34 -0.35 -17.42 19.55
N VAL A 35 -1.67 -17.53 19.32
CA VAL A 35 -2.62 -16.70 20.04
C VAL A 35 -2.51 -16.94 21.54
N ARG A 36 -2.35 -18.19 21.94
CA ARG A 36 -2.29 -18.53 23.36
C ARG A 36 -1.06 -17.92 24.02
N ASP A 37 0.07 -17.93 23.32
CA ASP A 37 1.29 -17.36 23.89
C ASP A 37 1.20 -15.84 23.97
N TRP A 38 0.65 -15.19 22.94
CA TRP A 38 0.44 -13.75 23.02
C TRP A 38 -0.52 -13.39 24.15
N TYR A 39 -1.51 -14.24 24.42
CA TYR A 39 -2.42 -14.00 25.53
C TYR A 39 -1.69 -14.08 26.86
N ARG A 40 -0.87 -15.12 27.03
CA ARG A 40 -0.08 -15.26 28.25
C ARG A 40 0.87 -14.08 28.43
N ALA A 41 1.45 -13.60 27.31
CA ALA A 41 2.38 -12.47 27.39
C ALA A 41 1.68 -11.22 27.89
N PHE A 42 0.51 -10.90 27.33
CA PHE A 42 -0.23 -9.72 27.77
C PHE A 42 -0.73 -9.89 29.20
N LEU A 43 -1.04 -11.12 29.62
CA LEU A 43 -1.50 -11.34 30.99
C LEU A 43 -0.37 -11.10 31.98
N ASP A 44 0.81 -11.69 31.74
CA ASP A 44 1.93 -11.51 32.65
C ASP A 44 2.45 -10.08 32.64
N ALA A 45 2.26 -9.36 31.53
CA ALA A 45 2.69 -7.97 31.43
C ALA A 45 1.75 -7.00 32.14
N GLY A 46 0.63 -7.49 32.70
CA GLY A 46 -0.30 -6.64 33.40
C GLY A 46 -1.39 -6.02 32.54
N SER A 47 -1.28 -6.12 31.22
CA SER A 47 -2.26 -5.57 30.30
C SER A 47 -3.00 -6.71 29.60
N ARG A 48 -3.86 -7.39 30.37
CA ARG A 48 -4.58 -8.55 29.85
C ARG A 48 -5.39 -8.18 28.61
N ALA A 49 -5.28 -9.02 27.59
CA ALA A 49 -5.96 -8.79 26.32
C ALA A 49 -7.15 -9.74 26.17
N ASP A 50 -8.05 -9.38 25.26
CA ASP A 50 -9.15 -10.24 24.88
C ASP A 50 -8.78 -11.06 23.66
N ILE A 51 -9.48 -12.17 23.48
CA ILE A 51 -9.38 -12.97 22.26
C ILE A 51 -10.67 -12.77 21.48
N VAL A 52 -10.55 -12.20 20.30
CA VAL A 52 -11.71 -11.78 19.51
C VAL A 52 -11.66 -12.43 18.13
N PRO A 53 -12.76 -12.99 17.64
CA PRO A 53 -12.76 -13.56 16.29
C PRO A 53 -12.42 -12.51 15.25
N LEU A 54 -11.68 -12.94 14.21
CA LEU A 54 -11.24 -12.00 13.18
C LEU A 54 -12.43 -11.34 12.50
N ALA A 55 -13.50 -12.09 12.27
CA ALA A 55 -14.66 -11.54 11.57
C ALA A 55 -15.48 -10.59 12.43
N TYR A 56 -15.32 -10.63 13.76
CA TYR A 56 -16.11 -9.79 14.63
C TYR A 56 -15.66 -8.33 14.52
N ASP A 57 -16.48 -7.44 15.08
CA ASP A 57 -16.19 -6.01 15.11
C ASP A 57 -15.23 -5.73 16.26
N TRP A 58 -13.96 -5.50 15.93
CA TRP A 58 -12.96 -5.10 16.92
C TRP A 58 -12.52 -3.65 16.72
N SER A 59 -13.38 -2.82 16.11
CA SER A 59 -13.02 -1.44 15.82
C SER A 59 -12.86 -0.59 17.07
N SER A 60 -13.48 -0.99 18.18
CA SER A 60 -13.42 -0.21 19.41
C SER A 60 -12.17 -0.48 20.23
N TYR A 61 -11.38 -1.50 19.87
CA TYR A 61 -10.13 -1.74 20.57
C TYR A 61 -9.07 -0.73 20.15
N LYS A 62 -8.07 -0.56 20.99
CA LYS A 62 -6.95 0.32 20.67
C LYS A 62 -5.82 -0.41 19.97
N THR A 63 -5.65 -1.71 20.25
CA THR A 63 -4.61 -2.52 19.64
C THR A 63 -5.19 -3.86 19.22
N VAL A 64 -4.81 -4.32 18.02
CA VAL A 64 -5.15 -5.65 17.55
C VAL A 64 -3.85 -6.39 17.24
N VAL A 65 -3.80 -7.67 17.59
CA VAL A 65 -2.63 -8.51 17.38
C VAL A 65 -3.03 -9.67 16.48
N LEU A 66 -2.26 -9.90 15.42
CA LEU A 66 -2.53 -10.96 14.45
C LEU A 66 -1.37 -11.95 14.45
N PRO A 67 -1.40 -12.95 15.33
CA PRO A 67 -0.31 -13.92 15.38
C PRO A 67 -0.59 -15.16 14.54
N THR A 68 0.22 -15.37 13.51
CA THR A 68 0.06 -16.50 12.59
C THR A 68 -1.38 -16.58 12.06
N VAL A 69 -1.93 -15.42 11.70
CA VAL A 69 -3.19 -15.37 10.97
C VAL A 69 -2.85 -15.64 9.51
N LEU A 70 -2.64 -16.92 9.18
CA LEU A 70 -2.12 -17.29 7.87
C LEU A 70 -3.06 -16.84 6.76
N ILE A 71 -4.36 -17.10 6.93
CA ILE A 71 -5.36 -16.72 5.93
C ILE A 71 -5.83 -15.30 6.22
N LEU A 72 -5.65 -14.42 5.24
CA LEU A 72 -6.07 -13.02 5.37
C LEU A 72 -6.62 -12.54 4.04
N SER A 73 -7.88 -12.13 4.03
CA SER A 73 -8.52 -11.67 2.81
C SER A 73 -8.19 -10.21 2.55
N ALA A 74 -8.45 -9.78 1.31
CA ALA A 74 -8.27 -8.36 0.99
C ALA A 74 -9.26 -7.50 1.76
N ALA A 75 -10.46 -8.01 2.00
CA ALA A 75 -11.44 -7.26 2.78
C ALA A 75 -10.98 -7.08 4.22
N ASP A 76 -10.40 -8.14 4.82
CA ASP A 76 -9.89 -8.02 6.18
C ASP A 76 -8.63 -7.17 6.24
N THR A 77 -7.80 -7.22 5.20
CA THR A 77 -6.64 -6.34 5.14
C THR A 77 -7.07 -4.87 5.11
N GLN A 78 -8.14 -4.56 4.37
CA GLN A 78 -8.65 -3.20 4.35
C GLN A 78 -9.17 -2.77 5.71
N ARG A 79 -9.81 -3.69 6.44
CA ARG A 79 -10.30 -3.37 7.78
C ARG A 79 -9.15 -3.01 8.71
N LEU A 80 -8.02 -3.71 8.60
CA LEU A 80 -6.85 -3.38 9.39
C LEU A 80 -6.31 -2.00 9.01
N ALA A 81 -6.23 -1.72 7.71
CA ALA A 81 -5.76 -0.41 7.27
C ALA A 81 -6.66 0.70 7.76
N ASP A 82 -7.97 0.51 7.65
CA ASP A 82 -8.93 1.48 8.19
C ASP A 82 -8.75 1.64 9.69
N PHE A 83 -8.62 0.51 10.40
CA PHE A 83 -8.41 0.56 11.84
C PHE A 83 -7.15 1.33 12.19
N ALA A 84 -6.06 1.08 11.47
CA ALA A 84 -4.80 1.78 11.75
C ALA A 84 -4.89 3.25 11.38
N ALA A 85 -5.41 3.55 10.19
CA ALA A 85 -5.48 4.94 9.74
C ALA A 85 -6.28 5.81 10.69
N ALA A 86 -7.33 5.25 11.31
CA ALA A 86 -8.15 6.01 12.24
C ALA A 86 -7.51 6.17 13.63
N GLY A 87 -6.29 5.69 13.81
CA GLY A 87 -5.59 5.84 15.08
C GLY A 87 -5.28 4.55 15.81
N GLY A 88 -5.68 3.39 15.30
CA GLY A 88 -5.43 2.14 15.99
C GLY A 88 -4.02 1.62 15.78
N ARG A 89 -3.65 0.66 16.64
CA ARG A 89 -2.34 0.02 16.59
C ARG A 89 -2.51 -1.44 16.17
N VAL A 90 -1.76 -1.84 15.15
CA VAL A 90 -1.85 -3.19 14.58
C VAL A 90 -0.49 -3.86 14.75
N VAL A 91 -0.50 -5.08 15.28
CA VAL A 91 0.71 -5.88 15.46
C VAL A 91 0.58 -7.12 14.60
N VAL A 92 1.55 -7.33 13.71
CA VAL A 92 1.47 -8.38 12.69
C VAL A 92 2.63 -9.34 12.89
N GLY A 93 2.31 -10.63 13.01
CA GLY A 93 3.34 -11.64 13.13
C GLY A 93 3.96 -12.01 11.79
N TYR A 94 5.02 -12.81 11.85
CA TYR A 94 5.77 -13.17 10.66
C TYR A 94 4.95 -14.04 9.71
N ALA A 95 3.99 -14.80 10.23
CA ALA A 95 3.22 -15.74 9.42
C ALA A 95 1.79 -15.28 9.19
N THR A 96 1.58 -13.97 9.09
CA THR A 96 0.26 -13.39 8.88
C THR A 96 0.16 -12.83 7.47
N GLY A 97 -0.95 -13.15 6.80
CA GLY A 97 -1.22 -12.58 5.50
C GLY A 97 -0.48 -13.21 4.35
N LEU A 98 -0.33 -14.54 4.36
CA LEU A 98 0.37 -15.25 3.30
C LEU A 98 -0.57 -15.87 2.28
N ILE A 99 -1.84 -16.04 2.62
CA ILE A 99 -2.80 -16.77 1.80
C ILE A 99 -4.15 -16.07 1.89
N ASP A 100 -4.87 -15.99 0.77
CA ASP A 100 -6.16 -15.33 0.74
C ASP A 100 -7.27 -16.29 1.20
N GLU A 101 -8.51 -15.79 1.24
CA GLU A 101 -9.61 -16.57 1.78
C GLU A 101 -9.95 -17.78 0.92
N HIS A 102 -9.58 -17.78 -0.35
CA HIS A 102 -9.78 -18.94 -1.23
C HIS A 102 -8.56 -19.85 -1.27
N PHE A 103 -7.70 -19.78 -0.24
CA PHE A 103 -6.55 -20.65 -0.08
C PHE A 103 -5.52 -20.50 -1.20
N HIS A 104 -5.52 -19.35 -1.87
CA HIS A 104 -4.54 -19.04 -2.90
C HIS A 104 -3.44 -18.17 -2.29
N THR A 105 -2.20 -18.47 -2.64
CA THR A 105 -1.05 -17.77 -2.06
C THR A 105 -0.99 -16.34 -2.57
N TRP A 106 -0.84 -15.39 -1.65
CA TRP A 106 -0.68 -13.99 -2.03
C TRP A 106 0.64 -13.81 -2.77
N LEU A 107 0.57 -13.42 -4.03
CA LEU A 107 1.76 -13.26 -4.84
C LEU A 107 2.43 -11.91 -4.56
N GLY A 108 3.62 -11.75 -5.10
CA GLY A 108 4.40 -10.55 -4.86
C GLY A 108 5.28 -10.67 -3.63
N GLY A 109 5.74 -9.51 -3.17
CA GLY A 109 6.59 -9.48 -1.99
C GLY A 109 5.85 -9.88 -0.72
N TYR A 110 6.63 -10.17 0.31
CA TYR A 110 6.21 -10.60 1.63
C TYR A 110 6.14 -9.41 2.60
N PRO A 111 5.07 -9.31 3.40
CA PRO A 111 3.87 -10.15 3.33
C PRO A 111 2.94 -9.69 2.22
N GLY A 112 2.20 -10.62 1.62
CA GLY A 112 1.47 -10.34 0.41
C GLY A 112 -0.01 -10.04 0.53
N ALA A 113 -0.56 -10.04 1.74
CA ALA A 113 -2.00 -9.85 1.91
C ALA A 113 -2.42 -8.48 1.37
N GLY A 114 -3.54 -8.48 0.64
CA GLY A 114 -4.08 -7.25 0.08
C GLY A 114 -3.35 -6.72 -1.13
N ASP A 115 -2.60 -7.56 -1.84
CA ASP A 115 -1.83 -7.14 -3.03
C ASP A 115 -0.90 -5.98 -2.69
N GLY A 116 -0.35 -6.01 -1.49
CA GLY A 116 0.60 -5.00 -1.04
C GLY A 116 0.07 -4.04 0.00
N LEU A 117 -1.21 -4.12 0.38
CA LEU A 117 -1.76 -3.17 1.34
C LEU A 117 -1.22 -3.42 2.74
N LEU A 118 -1.15 -4.68 3.16
CA LEU A 118 -0.58 -4.99 4.48
C LEU A 118 0.90 -4.65 4.51
N ARG A 119 1.63 -5.05 3.46
CA ARG A 119 3.04 -4.72 3.35
C ARG A 119 3.29 -3.22 3.50
N SER A 120 2.45 -2.40 2.86
CA SER A 120 2.64 -0.95 2.95
C SER A 120 2.31 -0.42 4.34
N MET A 121 1.35 -1.03 5.03
CA MET A 121 1.06 -0.63 6.41
C MET A 121 2.29 -0.80 7.29
N LEU A 122 3.01 -1.92 7.12
CA LEU A 122 4.15 -2.22 7.96
C LEU A 122 5.39 -1.43 7.60
N GLY A 123 5.48 -0.93 6.37
CA GLY A 123 6.68 -0.24 5.95
C GLY A 123 7.90 -1.13 5.79
N VAL A 124 7.71 -2.44 5.76
CA VAL A 124 8.79 -3.39 5.51
C VAL A 124 8.41 -4.21 4.28
N ARG A 125 9.40 -4.93 3.75
CA ARG A 125 9.16 -5.78 2.59
C ARG A 125 10.20 -6.90 2.54
N GLY A 126 9.73 -8.11 2.22
CA GLY A 126 10.61 -9.22 1.92
C GLY A 126 10.26 -9.78 0.55
N GLU A 127 11.22 -10.45 -0.10
CA GLU A 127 10.91 -10.98 -1.43
C GLU A 127 9.97 -12.17 -1.33
N GLU A 128 10.08 -12.95 -0.26
CA GLU A 128 9.23 -14.13 -0.10
C GLU A 128 9.20 -14.51 1.36
N PHE A 129 8.16 -15.26 1.74
CA PHE A 129 8.08 -15.85 3.06
C PHE A 129 9.15 -16.92 3.20
N ASN A 130 10.11 -16.68 4.10
CA ASN A 130 11.29 -17.55 4.23
C ASN A 130 11.58 -17.76 5.70
N ILE A 131 11.44 -19.01 6.15
CA ILE A 131 11.74 -19.40 7.53
C ILE A 131 12.91 -20.36 7.49
N LEU A 132 14.05 -19.95 8.06
CA LEU A 132 15.25 -20.77 8.07
C LEU A 132 15.47 -21.36 9.46
N GLY A 133 16.12 -22.52 9.48
CA GLY A 133 16.41 -23.20 10.74
C GLY A 133 17.57 -24.16 10.65
N PRO A 140 -11.72 0.95 -30.12
CA PRO A 140 -13.06 1.25 -30.63
C PRO A 140 -13.12 2.62 -31.27
N GLY A 141 -11.96 3.28 -31.38
CA GLY A 141 -11.89 4.58 -31.99
C GLY A 141 -11.89 5.73 -31.00
N GLU A 142 -13.09 6.24 -30.69
CA GLU A 142 -13.24 7.33 -29.73
C GLU A 142 -14.40 7.01 -28.81
N ILE A 143 -14.18 7.20 -27.50
CA ILE A 143 -15.15 6.83 -26.48
C ILE A 143 -15.58 8.07 -25.72
N ARG A 144 -16.83 8.09 -25.28
CA ARG A 144 -17.39 9.16 -24.47
C ARG A 144 -17.44 8.72 -23.01
N LEU A 145 -17.36 9.70 -22.11
CA LEU A 145 -17.38 9.46 -20.68
C LEU A 145 -18.66 9.97 -20.06
N SER A 146 -18.98 9.44 -18.88
CA SER A 146 -20.16 9.84 -18.12
C SER A 146 -19.81 9.84 -16.64
N SER A 147 -20.17 10.92 -15.95
CA SER A 147 -19.92 11.01 -14.53
C SER A 147 -20.77 10.01 -13.77
N ALA A 148 -20.13 9.23 -12.90
CA ALA A 148 -20.83 8.20 -12.13
C ALA A 148 -21.53 8.76 -10.90
N ASP A 149 -21.09 9.90 -10.38
CA ASP A 149 -21.74 10.54 -9.26
C ASP A 149 -22.84 11.47 -9.79
N ASP A 150 -23.40 12.30 -8.91
CA ASP A 150 -24.47 13.23 -9.29
C ASP A 150 -23.93 14.63 -9.55
N SER A 151 -22.79 14.74 -10.24
CA SER A 151 -22.19 16.02 -10.55
C SER A 151 -22.30 16.43 -12.01
N ALA A 152 -22.36 15.46 -12.93
CA ALA A 152 -22.45 15.70 -14.37
C ALA A 152 -21.31 16.59 -14.87
N ALA A 153 -20.14 16.51 -14.22
CA ALA A 153 -19.03 17.36 -14.60
C ALA A 153 -18.30 16.84 -15.84
N LEU A 154 -18.11 15.53 -15.93
CA LEU A 154 -17.39 14.92 -17.03
C LEU A 154 -18.32 14.35 -18.10
N ASP A 155 -19.60 14.66 -18.05
CA ASP A 155 -20.52 14.23 -19.09
C ASP A 155 -20.20 14.93 -20.40
N GLY A 156 -20.36 14.21 -21.51
CA GLY A 156 -20.08 14.73 -22.82
C GLY A 156 -18.62 14.76 -23.21
N THR A 157 -17.71 14.49 -22.27
CA THR A 157 -16.29 14.45 -22.59
C THR A 157 -15.95 13.19 -23.38
N THR A 158 -14.88 13.26 -24.15
CA THR A 158 -14.46 12.16 -25.00
C THR A 158 -12.97 11.88 -24.78
N THR A 159 -12.57 10.67 -25.17
CA THR A 159 -11.18 10.26 -25.11
C THR A 159 -10.86 9.42 -26.34
N ARG A 160 -9.59 9.48 -26.75
CA ARG A 160 -9.12 8.73 -27.90
C ARG A 160 -7.99 7.77 -27.55
N LEU A 161 -7.57 7.74 -26.29
CA LEU A 161 -6.58 6.78 -25.80
C LEU A 161 -6.90 6.50 -24.34
N TRP A 162 -7.29 5.27 -24.04
CA TRP A 162 -7.75 4.91 -22.71
C TRP A 162 -7.20 3.54 -22.32
N GLN A 163 -7.01 3.35 -21.02
CA GLN A 163 -6.67 2.03 -20.49
C GLN A 163 -7.92 1.17 -20.42
N ASN A 164 -7.83 -0.03 -20.98
CA ASN A 164 -9.00 -0.89 -21.10
C ASN A 164 -9.19 -1.85 -19.94
N ASP A 165 -8.10 -2.31 -19.33
CA ASP A 165 -8.15 -3.34 -18.28
C ASP A 165 -8.02 -2.66 -16.93
N VAL A 166 -9.16 -2.31 -16.34
CA VAL A 166 -9.21 -1.64 -15.04
C VAL A 166 -10.33 -2.27 -14.21
N ASN A 167 -9.97 -2.82 -13.05
CA ASN A 167 -10.94 -3.40 -12.12
C ASN A 167 -10.89 -2.62 -10.82
N VAL A 168 -12.04 -2.11 -10.39
CA VAL A 168 -12.14 -1.41 -9.11
C VAL A 168 -12.12 -2.46 -8.00
N THR A 169 -11.06 -2.45 -7.19
CA THR A 169 -10.87 -3.46 -6.15
C THR A 169 -10.99 -2.91 -4.74
N GLY A 170 -10.74 -1.62 -4.53
CA GLY A 170 -10.78 -1.06 -3.19
C GLY A 170 -12.20 -1.00 -2.67
N GLU A 171 -12.37 -1.44 -1.41
CA GLU A 171 -13.69 -1.40 -0.78
C GLU A 171 -14.25 0.02 -0.74
N HIS A 172 -13.39 1.00 -0.45
CA HIS A 172 -13.82 2.39 -0.35
C HIS A 172 -13.52 3.20 -1.61
N ALA A 173 -13.15 2.52 -2.70
CA ALA A 173 -12.89 3.22 -3.95
C ALA A 173 -14.20 3.71 -4.55
N GLN A 174 -14.28 5.01 -4.81
CA GLN A 174 -15.46 5.61 -5.42
C GLN A 174 -15.20 5.86 -6.89
N VAL A 175 -16.11 5.39 -7.74
CA VAL A 175 -16.02 5.64 -9.18
C VAL A 175 -16.63 7.00 -9.48
N LEU A 176 -15.85 7.86 -10.12
CA LEU A 176 -16.31 9.21 -10.47
C LEU A 176 -16.75 9.34 -11.92
N ALA A 177 -16.30 8.45 -12.80
CA ALA A 177 -16.68 8.51 -14.20
C ALA A 177 -16.47 7.15 -14.84
N THR A 178 -17.31 6.84 -15.83
CA THR A 178 -17.22 5.59 -16.56
C THR A 178 -17.34 5.88 -18.05
N TYR A 179 -16.93 4.89 -18.85
CA TYR A 179 -17.12 4.96 -20.29
C TYR A 179 -18.51 4.47 -20.64
N ALA A 180 -19.23 5.24 -21.47
CA ALA A 180 -20.59 4.91 -21.84
C ALA A 180 -20.84 5.34 -23.27
N GLY A 181 -21.91 4.79 -23.85
CA GLY A 181 -22.32 5.10 -25.20
C GLY A 181 -22.28 3.88 -26.10
N GLU A 182 -22.72 4.09 -27.35
CA GLU A 182 -22.71 3.02 -28.32
C GLU A 182 -21.28 2.62 -28.70
N GLU A 183 -20.39 3.61 -28.81
CA GLU A 183 -18.99 3.31 -29.11
C GLU A 183 -18.31 2.58 -27.97
N ALA A 184 -18.70 2.88 -26.73
CA ALA A 184 -18.12 2.19 -25.58
C ALA A 184 -18.61 0.76 -25.48
N ASP A 185 -19.85 0.48 -25.90
CA ASP A 185 -20.38 -0.87 -25.84
C ASP A 185 -19.80 -1.75 -26.94
N GLU A 186 -19.35 -1.15 -28.04
CA GLU A 186 -18.78 -1.95 -29.14
C GLU A 186 -17.48 -2.62 -28.72
N TRP A 187 -16.75 -2.04 -27.78
CA TRP A 187 -15.52 -2.64 -27.26
C TRP A 187 -15.73 -3.33 -25.92
N GLU A 188 -16.98 -3.58 -25.54
CA GLU A 188 -17.32 -4.21 -24.27
C GLU A 188 -16.75 -3.42 -23.09
N LEU A 189 -16.77 -2.09 -23.20
CA LEU A 189 -16.26 -1.21 -22.16
C LEU A 189 -17.37 -0.33 -21.56
N ASP A 190 -18.62 -0.72 -21.75
CA ASP A 190 -19.74 0.05 -21.20
C ASP A 190 -19.79 -0.14 -19.69
N GLY A 191 -19.58 0.95 -18.95
CA GLY A 191 -19.57 0.92 -17.50
C GLY A 191 -18.21 0.74 -16.88
N THR A 192 -17.16 0.57 -17.66
CA THR A 192 -15.82 0.40 -17.12
C THR A 192 -15.34 1.71 -16.48
N ALA A 193 -14.63 1.58 -15.37
CA ALA A 193 -14.18 2.74 -14.62
C ALA A 193 -13.19 3.58 -15.42
N ALA A 194 -13.36 4.89 -15.36
CA ALA A 194 -12.47 5.84 -16.03
C ALA A 194 -11.77 6.78 -15.07
N VAL A 195 -12.48 7.28 -14.06
CA VAL A 195 -11.89 8.14 -13.04
C VAL A 195 -12.37 7.65 -11.68
N THR A 196 -11.42 7.33 -10.80
CA THR A 196 -11.73 6.83 -9.47
C THR A 196 -10.87 7.53 -8.43
N ARG A 197 -11.34 7.49 -7.18
CA ARG A 197 -10.56 7.97 -6.05
C ARG A 197 -10.74 7.01 -4.89
N ASN A 198 -9.68 6.85 -4.09
CA ASN A 198 -9.64 5.85 -3.04
C ASN A 198 -8.94 6.40 -1.80
N PRO A 199 -9.51 6.19 -0.61
CA PRO A 199 -8.80 6.57 0.62
C PRO A 199 -7.62 5.65 0.85
N TYR A 200 -6.50 6.26 1.24
CA TYR A 200 -5.28 5.50 1.57
C TYR A 200 -4.65 6.15 2.80
N GLY A 201 -4.60 5.40 3.89
CA GLY A 201 -4.17 5.99 5.15
C GLY A 201 -5.07 7.17 5.50
N SER A 202 -4.46 8.28 5.86
CA SER A 202 -5.20 9.52 6.06
C SER A 202 -5.36 10.33 4.78
N GLY A 203 -4.90 9.81 3.65
CA GLY A 203 -4.96 10.56 2.41
C GLY A 203 -5.85 9.96 1.35
N GLU A 204 -5.50 10.19 0.07
CA GLU A 204 -6.39 9.86 -1.03
C GLU A 204 -5.57 9.68 -2.30
N ALA A 205 -6.08 8.85 -3.21
CA ALA A 205 -5.38 8.55 -4.46
C ALA A 205 -6.40 8.50 -5.60
N TYR A 206 -6.22 9.37 -6.59
CA TYR A 206 -7.07 9.42 -7.78
C TYR A 206 -6.41 8.64 -8.92
N PHE A 207 -7.25 8.02 -9.75
CA PHE A 207 -6.80 7.33 -10.95
C PHE A 207 -7.53 7.89 -12.16
N VAL A 208 -6.77 8.35 -13.15
CA VAL A 208 -7.31 8.86 -14.40
C VAL A 208 -6.92 7.88 -15.50
N GLY A 209 -7.91 7.13 -15.99
CA GLY A 209 -7.67 6.02 -16.88
C GLY A 209 -7.60 6.32 -18.37
N CYS A 210 -7.74 7.58 -18.78
CA CYS A 210 -7.76 7.93 -20.19
C CYS A 210 -7.08 9.27 -20.41
N ASP A 211 -6.75 9.53 -21.67
CA ASP A 211 -6.21 10.82 -22.06
C ASP A 211 -7.33 11.82 -22.30
N LEU A 212 -7.12 13.05 -21.86
CA LEU A 212 -8.12 14.10 -21.99
C LEU A 212 -7.46 15.37 -22.49
N ASP A 213 -8.19 16.13 -23.29
CA ASP A 213 -7.70 17.43 -23.72
C ASP A 213 -7.77 18.43 -22.57
N VAL A 214 -7.12 19.58 -22.76
CA VAL A 214 -7.06 20.59 -21.72
C VAL A 214 -8.47 21.05 -21.33
N ALA A 215 -9.38 21.09 -22.31
CA ALA A 215 -10.74 21.51 -22.04
C ALA A 215 -11.42 20.56 -21.06
N ASP A 216 -11.33 19.24 -21.32
CA ASP A 216 -11.94 18.27 -20.43
C ASP A 216 -11.16 18.15 -19.12
N LEU A 217 -9.84 18.30 -19.16
CA LEU A 217 -9.05 18.24 -17.93
C LEU A 217 -9.45 19.36 -16.98
N THR A 218 -9.73 20.55 -17.52
CA THR A 218 -10.13 21.66 -16.68
C THR A 218 -11.42 21.35 -15.93
N LYS A 219 -12.36 20.68 -16.59
CA LYS A 219 -13.60 20.30 -15.93
C LYS A 219 -13.34 19.25 -14.84
N LEU A 220 -12.40 18.34 -15.09
CA LEU A 220 -12.02 17.38 -14.06
C LEU A 220 -11.35 18.08 -12.88
N VAL A 221 -10.41 18.99 -13.18
CA VAL A 221 -9.70 19.71 -12.12
C VAL A 221 -10.68 20.58 -11.34
N ARG A 222 -11.55 21.30 -12.05
CA ARG A 222 -12.47 22.22 -11.37
C ARG A 222 -13.47 21.47 -10.50
N ALA A 223 -13.79 20.22 -10.86
CA ALA A 223 -14.81 19.48 -10.13
C ALA A 223 -14.27 18.76 -8.90
N TYR A 224 -12.97 18.43 -8.89
CA TYR A 224 -12.46 17.58 -7.83
C TYR A 224 -11.14 18.08 -7.22
N LEU A 225 -10.33 18.78 -8.00
CA LEU A 225 -8.98 19.12 -7.57
C LEU A 225 -8.74 20.60 -7.33
N ALA A 226 -9.65 21.47 -7.78
CA ALA A 226 -9.46 22.90 -7.61
C ALA A 226 -9.64 23.31 -6.15
N ALA A 227 -9.06 24.45 -5.79
CA ALA A 227 -9.22 24.99 -4.45
C ALA A 227 -10.66 25.42 -4.17
N SER A 228 -11.43 25.71 -5.22
CA SER A 228 -12.82 26.10 -5.06
C SER A 228 -13.74 24.90 -5.28
N ALA B 3 5.15 29.13 0.75
CA ALA B 3 4.50 30.20 0.01
C ALA B 3 4.28 29.80 -1.45
N HIS B 4 4.17 28.50 -1.70
CA HIS B 4 3.94 27.95 -3.02
C HIS B 4 2.49 27.50 -3.16
N SER B 5 2.21 26.78 -4.25
CA SER B 5 0.87 26.30 -4.52
C SER B 5 0.55 25.07 -3.66
N ASP B 6 -0.74 24.71 -3.61
CA ASP B 6 -1.16 23.49 -2.94
C ASP B 6 -0.90 22.25 -3.77
N THR B 7 -0.78 22.39 -5.09
CA THR B 7 -0.67 21.26 -6.00
C THR B 7 0.67 21.30 -6.72
N ALA B 8 1.33 20.16 -6.79
CA ALA B 8 2.59 20.01 -7.51
C ALA B 8 2.41 18.95 -8.59
N ILE B 9 2.72 19.32 -9.83
CA ILE B 9 2.78 18.37 -10.94
C ILE B 9 4.21 17.88 -11.06
N LEU B 10 4.43 16.59 -10.86
CA LEU B 10 5.78 16.05 -10.79
C LEU B 10 6.32 15.79 -12.19
N PHE B 11 7.59 16.15 -12.39
CA PHE B 11 8.27 15.95 -13.66
C PHE B 11 9.39 14.95 -13.49
N SER B 12 9.39 13.90 -14.31
CA SER B 12 10.40 12.85 -14.30
C SER B 12 11.18 12.92 -15.61
N ALA B 13 12.45 13.32 -15.52
CA ALA B 13 13.28 13.39 -16.71
C ALA B 13 13.45 12.02 -17.36
N GLU B 14 13.61 10.97 -16.53
CA GLU B 14 13.73 9.62 -17.08
C GLU B 14 12.47 9.23 -17.86
N SER B 15 11.30 9.62 -17.36
CA SER B 15 10.06 9.33 -18.08
C SER B 15 10.01 10.07 -19.41
N GLU B 16 10.54 11.29 -19.45
CA GLU B 16 10.61 12.02 -20.72
C GLU B 16 11.57 11.36 -21.69
N TRP B 17 12.65 10.78 -21.18
CA TRP B 17 13.58 10.04 -22.04
C TRP B 17 12.88 8.83 -22.66
N ALA B 18 12.13 8.08 -21.85
CA ALA B 18 11.37 6.96 -22.39
C ALA B 18 10.32 7.43 -23.38
N THR B 19 9.79 8.64 -23.19
CA THR B 19 8.84 9.21 -24.16
C THR B 19 9.52 9.46 -25.50
N ARG B 20 10.71 10.04 -25.48
CA ARG B 20 11.43 10.37 -26.71
C ARG B 20 11.85 9.14 -27.49
N SER B 21 11.95 7.98 -26.85
CA SER B 21 12.49 6.79 -27.52
C SER B 21 11.62 6.32 -28.66
N GLN B 22 10.36 6.75 -28.73
CA GLN B 22 9.41 6.33 -29.77
C GLN B 22 9.16 4.83 -29.75
N THR B 23 9.41 4.17 -28.61
CA THR B 23 9.29 2.72 -28.49
C THR B 23 8.06 2.31 -27.69
N LEU B 24 7.21 3.24 -27.29
CA LEU B 24 6.02 2.94 -26.51
C LEU B 24 4.88 2.50 -27.42
N PRO B 25 3.85 1.86 -26.86
CA PRO B 25 2.72 1.41 -27.70
C PRO B 25 1.98 2.52 -28.42
N SER B 26 2.26 3.79 -28.14
CA SER B 26 1.56 4.88 -28.81
C SER B 26 2.41 6.13 -28.75
N MET B 27 2.49 6.85 -29.87
CA MET B 27 3.22 8.10 -29.91
C MET B 27 2.52 9.21 -29.14
N LYS B 28 1.23 9.02 -28.80
CA LYS B 28 0.52 9.99 -27.99
C LYS B 28 1.05 10.04 -26.57
N LEU B 29 1.71 8.99 -26.11
CA LEU B 29 2.33 8.99 -24.79
C LEU B 29 3.48 9.99 -24.77
N ASN B 30 3.28 11.12 -24.10
CA ASN B 30 4.29 12.17 -24.03
C ASN B 30 4.25 12.75 -22.62
N HIS B 31 5.33 12.55 -21.86
CA HIS B 31 5.33 12.95 -20.46
C HIS B 31 5.23 14.47 -20.31
N TRP B 32 6.12 15.21 -20.97
CA TRP B 32 6.13 16.66 -20.79
C TRP B 32 4.87 17.31 -21.36
N HIS B 33 4.35 16.78 -22.46
CA HIS B 33 3.09 17.31 -22.97
C HIS B 33 1.94 17.04 -22.02
N ASP B 34 1.97 15.90 -21.31
CA ASP B 34 0.96 15.63 -20.30
C ASP B 34 1.12 16.58 -19.11
N VAL B 35 2.36 16.92 -18.76
CA VAL B 35 2.61 17.89 -17.69
C VAL B 35 2.06 19.25 -18.06
N ARG B 36 2.30 19.70 -19.30
CA ARG B 36 1.81 21.02 -19.72
C ARG B 36 0.28 21.06 -19.73
N ASP B 37 -0.36 19.99 -20.20
CA ASP B 37 -1.82 19.96 -20.22
C ASP B 37 -2.41 20.05 -18.82
N TRP B 38 -1.81 19.32 -17.86
CA TRP B 38 -2.27 19.42 -16.48
C TRP B 38 -1.98 20.80 -15.89
N TYR B 39 -0.87 21.41 -16.30
CA TYR B 39 -0.55 22.76 -15.80
C TYR B 39 -1.59 23.76 -16.25
N ARG B 40 -1.92 23.75 -17.54
CA ARG B 40 -2.92 24.69 -18.05
C ARG B 40 -4.30 24.39 -17.49
N ALA B 41 -4.60 23.11 -17.23
CA ALA B 41 -5.89 22.76 -16.64
C ALA B 41 -6.02 23.34 -15.23
N PHE B 42 -4.98 23.19 -14.41
CA PHE B 42 -5.00 23.78 -13.09
C PHE B 42 -5.01 25.29 -13.14
N LEU B 43 -4.32 25.87 -14.13
CA LEU B 43 -4.33 27.32 -14.29
C LEU B 43 -5.71 27.82 -14.70
N ASP B 44 -6.34 27.14 -15.67
CA ASP B 44 -7.65 27.56 -16.15
C ASP B 44 -8.74 27.39 -15.10
N ALA B 45 -8.53 26.52 -14.11
CA ALA B 45 -9.51 26.29 -13.06
C ALA B 45 -9.33 27.23 -11.87
N GLY B 46 -8.43 28.20 -11.96
CA GLY B 46 -8.23 29.16 -10.89
C GLY B 46 -7.35 28.68 -9.76
N SER B 47 -6.71 27.51 -9.88
CA SER B 47 -5.83 26.97 -8.84
C SER B 47 -4.53 26.54 -9.52
N ARG B 48 -3.68 27.52 -9.82
CA ARG B 48 -2.43 27.24 -10.53
C ARG B 48 -1.55 26.31 -9.70
N ALA B 49 -1.06 25.26 -10.35
CA ALA B 49 -0.17 24.29 -9.73
C ALA B 49 1.27 24.55 -10.14
N ASP B 50 2.20 24.15 -9.27
CA ASP B 50 3.62 24.22 -9.58
C ASP B 50 4.06 22.95 -10.29
N ILE B 51 5.11 23.08 -11.09
CA ILE B 51 5.78 21.92 -11.69
C ILE B 51 7.07 21.69 -10.93
N VAL B 52 7.17 20.54 -10.27
CA VAL B 52 8.28 20.22 -9.39
C VAL B 52 8.95 18.96 -9.90
N PRO B 53 10.28 18.92 -10.01
CA PRO B 53 10.95 17.67 -10.38
C PRO B 53 10.65 16.57 -9.37
N LEU B 54 10.56 15.34 -9.88
CA LEU B 54 10.20 14.20 -9.04
C LEU B 54 11.19 14.01 -7.90
N ALA B 55 12.48 14.27 -8.15
CA ALA B 55 13.50 14.05 -7.13
C ALA B 55 13.47 15.07 -6.00
N TYR B 56 12.76 16.18 -6.18
CA TYR B 56 12.76 17.23 -5.16
C TYR B 56 11.81 16.88 -4.02
N ASP B 57 11.91 17.67 -2.95
CA ASP B 57 11.10 17.47 -1.74
C ASP B 57 9.76 18.17 -1.93
N TRP B 58 8.74 17.41 -2.35
CA TRP B 58 7.39 17.93 -2.50
C TRP B 58 6.47 17.50 -1.36
N SER B 59 7.04 17.15 -0.20
CA SER B 59 6.23 16.70 0.92
C SER B 59 5.37 17.81 1.50
N SER B 60 5.72 19.07 1.27
CA SER B 60 4.97 20.19 1.80
C SER B 60 3.73 20.53 0.97
N TYR B 61 3.59 19.97 -0.22
CA TYR B 61 2.40 20.20 -1.01
C TYR B 61 1.23 19.38 -0.46
N LYS B 62 0.02 19.77 -0.85
CA LYS B 62 -1.17 19.05 -0.43
C LYS B 62 -1.63 18.02 -1.44
N THR B 63 -1.43 18.29 -2.73
CA THR B 63 -1.81 17.38 -3.79
C THR B 63 -0.64 17.23 -4.75
N VAL B 64 -0.41 16.01 -5.23
CA VAL B 64 0.68 15.69 -6.14
C VAL B 64 0.09 14.95 -7.34
N VAL B 65 0.46 15.37 -8.54
CA VAL B 65 -0.07 14.83 -9.78
C VAL B 65 1.07 14.21 -10.57
N LEU B 66 0.87 12.99 -11.07
CA LEU B 66 1.86 12.26 -11.86
C LEU B 66 1.26 11.94 -13.23
N PRO B 67 1.46 12.82 -14.22
CA PRO B 67 0.93 12.53 -15.56
C PRO B 67 1.95 11.87 -16.46
N THR B 68 1.69 10.62 -16.84
CA THR B 68 2.59 9.84 -17.69
C THR B 68 4.00 9.81 -17.11
N VAL B 69 4.08 9.52 -15.81
CA VAL B 69 5.37 9.30 -15.15
C VAL B 69 5.67 7.81 -15.34
N LEU B 70 6.17 7.48 -16.54
CA LEU B 70 6.35 6.08 -16.92
C LEU B 70 7.35 5.39 -16.01
N ILE B 71 8.43 6.06 -15.65
CA ILE B 71 9.49 5.49 -14.84
C ILE B 71 9.23 5.86 -13.39
N LEU B 72 8.99 4.84 -12.56
CA LEU B 72 8.83 5.03 -11.12
C LEU B 72 9.65 3.96 -10.41
N SER B 73 10.68 4.40 -9.68
CA SER B 73 11.45 3.47 -8.87
C SER B 73 10.61 3.00 -7.69
N ALA B 74 11.08 1.94 -7.03
CA ALA B 74 10.42 1.48 -5.82
C ALA B 74 10.47 2.54 -4.73
N ALA B 75 11.61 3.23 -4.60
CA ALA B 75 11.75 4.25 -3.57
C ALA B 75 10.81 5.42 -3.81
N ASP B 76 10.60 5.79 -5.08
CA ASP B 76 9.70 6.89 -5.38
C ASP B 76 8.24 6.50 -5.17
N THR B 77 7.89 5.25 -5.50
CA THR B 77 6.55 4.76 -5.19
C THR B 77 6.33 4.76 -3.67
N GLN B 78 7.37 4.43 -2.91
CA GLN B 78 7.27 4.48 -1.46
C GLN B 78 7.10 5.92 -0.96
N ARG B 79 7.75 6.88 -1.62
CA ARG B 79 7.58 8.27 -1.23
C ARG B 79 6.15 8.73 -1.43
N LEU B 80 5.51 8.29 -2.51
CA LEU B 80 4.10 8.61 -2.71
C LEU B 80 3.22 7.97 -1.65
N ALA B 81 3.50 6.71 -1.30
CA ALA B 81 2.70 6.03 -0.29
C ALA B 81 2.84 6.71 1.07
N ASP B 82 4.08 7.07 1.45
CA ASP B 82 4.27 7.82 2.68
C ASP B 82 3.58 9.17 2.63
N PHE B 83 3.67 9.86 1.49
CA PHE B 83 3.03 11.16 1.34
C PHE B 83 1.51 11.03 1.47
N ALA B 84 0.92 10.02 0.83
CA ALA B 84 -0.53 9.87 0.85
C ALA B 84 -1.02 9.37 2.20
N ALA B 85 -0.34 8.37 2.78
CA ALA B 85 -0.78 7.81 4.04
C ALA B 85 -0.77 8.83 5.18
N ALA B 86 0.02 9.89 5.04
CA ALA B 86 0.07 10.96 6.04
C ALA B 86 -0.97 12.05 5.79
N GLY B 87 -1.83 11.89 4.79
CA GLY B 87 -2.88 12.86 4.51
C GLY B 87 -2.80 13.53 3.15
N GLY B 88 -1.81 13.22 2.31
CA GLY B 88 -1.71 13.87 1.02
C GLY B 88 -2.61 13.25 -0.02
N ARG B 89 -2.85 14.01 -1.08
CA ARG B 89 -3.65 13.57 -2.21
C ARG B 89 -2.74 13.32 -3.40
N VAL B 90 -2.92 12.17 -4.05
CA VAL B 90 -2.09 11.76 -5.18
C VAL B 90 -2.99 11.47 -6.36
N VAL B 91 -2.67 12.06 -7.51
CA VAL B 91 -3.41 11.82 -8.76
C VAL B 91 -2.47 11.10 -9.71
N VAL B 92 -2.89 9.93 -10.16
CA VAL B 92 -2.05 9.03 -10.96
C VAL B 92 -2.67 8.88 -12.34
N GLY B 93 -1.90 9.20 -13.38
CA GLY B 93 -2.36 9.01 -14.73
C GLY B 93 -2.27 7.56 -15.19
N TYR B 94 -2.96 7.27 -16.29
CA TYR B 94 -3.07 5.88 -16.75
C TYR B 94 -1.73 5.31 -17.18
N ALA B 95 -0.79 6.15 -17.63
CA ALA B 95 0.51 5.70 -18.10
C ALA B 95 1.62 5.93 -17.07
N THR B 96 1.26 6.07 -15.80
CA THR B 96 2.23 6.32 -14.73
C THR B 96 2.58 5.02 -14.02
N GLY B 97 3.87 4.80 -13.80
CA GLY B 97 4.31 3.69 -13.00
C GLY B 97 4.38 2.36 -13.72
N LEU B 98 4.76 2.37 -14.99
CA LEU B 98 4.83 1.13 -15.76
C LEU B 98 6.22 0.51 -15.76
N ILE B 99 7.27 1.31 -15.59
CA ILE B 99 8.64 0.86 -15.73
C ILE B 99 9.43 1.31 -14.51
N ASP B 100 10.39 0.48 -14.09
CA ASP B 100 11.21 0.78 -12.93
C ASP B 100 12.43 1.62 -13.35
N GLU B 101 13.27 1.96 -12.36
CA GLU B 101 14.40 2.85 -12.61
C GLU B 101 15.47 2.22 -13.48
N HIS B 102 15.50 0.90 -13.58
CA HIS B 102 16.43 0.20 -14.47
C HIS B 102 15.85 -0.01 -15.86
N PHE B 103 14.76 0.68 -16.19
CA PHE B 103 14.07 0.54 -17.48
C PHE B 103 13.65 -0.90 -17.75
N HIS B 104 13.12 -1.55 -16.72
CA HIS B 104 12.47 -2.85 -16.84
C HIS B 104 10.99 -2.70 -16.54
N THR B 105 10.15 -3.41 -17.28
CA THR B 105 8.72 -3.35 -17.07
C THR B 105 8.37 -3.91 -15.68
N TRP B 106 7.60 -3.13 -14.92
CA TRP B 106 7.09 -3.61 -13.64
C TRP B 106 6.19 -4.82 -13.85
N LEU B 107 6.50 -5.91 -13.16
CA LEU B 107 5.76 -7.16 -13.29
C LEU B 107 4.77 -7.30 -12.14
N GLY B 108 3.72 -8.08 -12.38
CA GLY B 108 2.76 -8.43 -11.35
C GLY B 108 1.39 -7.78 -11.47
N GLY B 109 1.14 -6.98 -12.50
CA GLY B 109 -0.16 -6.34 -12.66
C GLY B 109 -0.11 -4.88 -13.03
N TYR B 110 -1.26 -4.24 -13.21
CA TYR B 110 -1.30 -2.85 -13.62
C TYR B 110 -2.10 -2.00 -12.63
N PRO B 111 -1.58 -0.83 -12.25
CA PRO B 111 -0.22 -0.36 -12.53
C PRO B 111 0.81 -1.08 -11.66
N GLY B 112 1.98 -1.38 -12.23
CA GLY B 112 2.92 -2.28 -11.58
C GLY B 112 3.90 -1.66 -10.61
N ALA B 113 4.01 -0.33 -10.58
CA ALA B 113 5.02 0.31 -9.75
C ALA B 113 4.83 -0.05 -8.28
N GLY B 114 5.93 -0.45 -7.64
CA GLY B 114 5.90 -0.79 -6.23
C GLY B 114 5.47 -2.20 -5.91
N ASP B 115 5.35 -3.07 -6.91
CA ASP B 115 4.94 -4.46 -6.72
C ASP B 115 3.60 -4.54 -5.98
N GLY B 116 2.65 -3.72 -6.43
CA GLY B 116 1.33 -3.64 -5.83
C GLY B 116 1.10 -2.42 -4.97
N LEU B 117 2.16 -1.69 -4.62
CA LEU B 117 1.99 -0.51 -3.77
C LEU B 117 1.10 0.54 -4.44
N LEU B 118 1.36 0.81 -5.72
CA LEU B 118 0.53 1.78 -6.43
C LEU B 118 -0.90 1.29 -6.58
N ARG B 119 -1.08 0.00 -6.89
CA ARG B 119 -2.42 -0.56 -6.94
C ARG B 119 -3.13 -0.43 -5.61
N SER B 120 -2.42 -0.70 -4.51
CA SER B 120 -3.03 -0.61 -3.18
C SER B 120 -3.47 0.81 -2.87
N MET B 121 -2.65 1.80 -3.19
CA MET B 121 -3.04 3.19 -3.00
C MET B 121 -4.29 3.52 -3.79
N LEU B 122 -4.31 3.14 -5.08
CA LEU B 122 -5.40 3.51 -5.97
C LEU B 122 -6.65 2.68 -5.76
N GLY B 123 -6.54 1.49 -5.17
CA GLY B 123 -7.69 0.62 -5.06
C GLY B 123 -8.18 0.09 -6.39
N VAL B 124 -7.28 -0.07 -7.36
CA VAL B 124 -7.63 -0.49 -8.72
C VAL B 124 -6.54 -1.42 -9.22
N ARG B 125 -6.93 -2.50 -9.87
CA ARG B 125 -5.97 -3.45 -10.43
C ARG B 125 -6.34 -3.81 -11.86
N GLY B 126 -5.31 -3.89 -12.71
CA GLY B 126 -5.42 -4.48 -14.02
C GLY B 126 -4.40 -5.60 -14.16
N GLU B 127 -4.56 -6.40 -15.22
CA GLU B 127 -3.60 -7.47 -15.46
C GLU B 127 -2.36 -6.98 -16.18
N GLU B 128 -2.50 -6.01 -17.09
CA GLU B 128 -1.35 -5.46 -17.80
C GLU B 128 -1.75 -4.15 -18.44
N PHE B 129 -0.74 -3.37 -18.82
CA PHE B 129 -0.96 -2.15 -19.57
C PHE B 129 -1.59 -2.49 -20.92
N ASN B 130 -2.74 -1.89 -21.20
CA ASN B 130 -3.52 -2.25 -22.39
C ASN B 130 -4.36 -1.02 -22.79
N ILE B 131 -3.82 -0.25 -23.74
CA ILE B 131 -4.48 0.97 -24.21
C ILE B 131 -5.10 0.71 -25.57
N LEU B 132 -6.21 1.38 -25.84
CA LEU B 132 -6.92 1.26 -27.10
C LEU B 132 -7.20 2.66 -27.66
N GLY B 133 -7.46 2.71 -28.96
CA GLY B 133 -7.75 3.96 -29.63
C GLY B 133 -6.69 4.38 -30.64
N PRO B 140 23.30 -24.35 13.89
CA PRO B 140 22.91 -23.05 14.46
C PRO B 140 21.57 -23.11 15.18
N GLY B 141 20.49 -22.90 14.46
CA GLY B 141 19.16 -23.13 15.00
C GLY B 141 18.59 -22.01 15.85
N GLU B 142 19.44 -21.33 16.63
CA GLU B 142 18.99 -20.28 17.54
C GLU B 142 19.77 -19.01 17.28
N ILE B 143 19.08 -17.87 17.37
CA ILE B 143 19.66 -16.55 17.07
C ILE B 143 19.22 -15.58 18.15
N ARG B 144 20.14 -14.69 18.56
CA ARG B 144 19.83 -13.68 19.55
C ARG B 144 19.30 -12.41 18.88
N LEU B 145 18.62 -11.61 19.68
CA LEU B 145 18.11 -10.31 19.26
C LEU B 145 18.82 -9.20 20.03
N SER B 146 18.90 -8.03 19.41
CA SER B 146 19.46 -6.85 20.05
C SER B 146 18.56 -5.65 19.75
N SER B 147 18.33 -4.82 20.76
CA SER B 147 17.46 -3.66 20.59
C SER B 147 18.15 -2.61 19.74
N ALA B 148 17.48 -2.18 18.67
CA ALA B 148 18.04 -1.15 17.80
C ALA B 148 17.90 0.25 18.38
N ASP B 149 17.04 0.42 19.38
CA ASP B 149 16.92 1.69 20.08
C ASP B 149 17.86 1.70 21.27
N ASP B 150 17.62 2.56 22.25
CA ASP B 150 18.44 2.62 23.46
C ASP B 150 17.72 2.05 24.67
N SER B 151 16.55 1.43 24.48
CA SER B 151 15.81 0.87 25.60
C SER B 151 16.48 -0.40 26.13
N ALA B 152 17.21 -1.12 25.28
CA ALA B 152 17.87 -2.37 25.67
C ALA B 152 16.86 -3.37 26.22
N ALA B 153 15.62 -3.31 25.73
CA ALA B 153 14.54 -4.14 26.26
C ALA B 153 14.66 -5.58 25.79
N LEU B 154 14.76 -5.79 24.49
CA LEU B 154 14.79 -7.14 23.92
C LEU B 154 16.19 -7.74 23.88
N ASP B 155 17.15 -7.13 24.57
CA ASP B 155 18.50 -7.69 24.61
C ASP B 155 18.52 -9.02 25.34
N GLY B 156 19.33 -9.95 24.83
CA GLY B 156 19.44 -11.27 25.41
C GLY B 156 18.36 -12.24 24.99
N THR B 157 17.29 -11.77 24.36
CA THR B 157 16.25 -12.68 23.90
C THR B 157 16.73 -13.48 22.69
N THR B 158 16.13 -14.65 22.50
CA THR B 158 16.53 -15.56 21.43
C THR B 158 15.29 -15.97 20.64
N THR B 159 15.53 -16.69 19.55
CA THR B 159 14.44 -17.19 18.71
C THR B 159 14.93 -18.42 17.95
N ARG B 160 14.03 -19.39 17.78
CA ARG B 160 14.31 -20.58 16.98
C ARG B 160 13.45 -20.63 15.73
N LEU B 161 12.80 -19.52 15.37
CA LEU B 161 11.99 -19.44 14.15
C LEU B 161 11.93 -17.98 13.74
N TRP B 162 12.49 -17.65 12.59
CA TRP B 162 12.60 -16.26 12.18
C TRP B 162 12.36 -16.13 10.68
N GLN B 163 12.01 -14.93 10.26
CA GLN B 163 11.89 -14.57 8.85
C GLN B 163 13.20 -13.94 8.40
N ASN B 164 13.83 -14.53 7.37
CA ASN B 164 15.13 -14.04 6.92
C ASN B 164 15.02 -12.83 6.02
N ASP B 165 13.96 -12.73 5.24
CA ASP B 165 13.83 -11.72 4.19
C ASP B 165 12.96 -10.57 4.72
N VAL B 166 13.61 -9.59 5.34
CA VAL B 166 12.93 -8.40 5.87
C VAL B 166 13.79 -7.20 5.54
N ASN B 167 13.21 -6.21 4.86
CA ASN B 167 13.89 -4.96 4.56
C ASN B 167 12.93 -3.80 4.81
N VAL B 168 13.42 -2.79 5.53
CA VAL B 168 12.59 -1.63 5.88
C VAL B 168 12.54 -0.68 4.69
N THR B 169 11.32 -0.23 4.35
CA THR B 169 11.10 0.64 3.21
C THR B 169 10.52 2.00 3.56
N GLY B 170 9.68 2.09 4.60
CA GLY B 170 9.03 3.35 4.91
C GLY B 170 10.02 4.38 5.45
N GLU B 171 9.82 5.64 5.04
CA GLU B 171 10.70 6.71 5.52
C GLU B 171 10.65 6.85 7.02
N HIS B 172 9.46 6.68 7.60
CA HIS B 172 9.26 6.87 9.04
C HIS B 172 9.18 5.54 9.80
N ALA B 173 9.50 4.43 9.16
CA ALA B 173 9.51 3.15 9.85
C ALA B 173 10.72 3.06 10.76
N GLN B 174 10.50 2.61 11.99
CA GLN B 174 11.53 2.54 13.01
C GLN B 174 11.82 1.08 13.35
N VAL B 175 13.10 0.72 13.35
CA VAL B 175 13.51 -0.62 13.78
C VAL B 175 13.66 -0.63 15.30
N LEU B 176 13.04 -1.61 15.94
CA LEU B 176 13.11 -1.75 17.38
C LEU B 176 14.06 -2.84 17.84
N ALA B 177 14.28 -3.86 17.01
CA ALA B 177 15.18 -4.94 17.35
C ALA B 177 15.76 -5.53 16.08
N THR B 178 17.01 -5.98 16.17
CA THR B 178 17.70 -6.65 15.07
C THR B 178 18.30 -7.95 15.57
N TYR B 179 18.59 -8.84 14.63
CA TYR B 179 19.32 -10.06 14.95
C TYR B 179 20.81 -9.75 15.05
N ALA B 180 21.43 -10.19 16.14
CA ALA B 180 22.84 -9.92 16.38
C ALA B 180 23.49 -11.14 17.00
N GLY B 181 24.81 -11.15 17.01
CA GLY B 181 25.58 -12.24 17.58
C GLY B 181 26.27 -13.07 16.52
N GLU B 182 27.08 -14.02 17.00
CA GLU B 182 27.84 -14.88 16.09
C GLU B 182 26.92 -15.78 15.28
N GLU B 183 25.85 -16.28 15.90
CA GLU B 183 24.93 -17.16 15.19
C GLU B 183 24.19 -16.41 14.07
N ALA B 184 23.93 -15.12 14.27
CA ALA B 184 23.25 -14.34 13.25
C ALA B 184 24.15 -14.11 12.03
N ASP B 185 25.47 -14.11 12.22
CA ASP B 185 26.38 -13.95 11.10
C ASP B 185 26.36 -15.16 10.18
N GLU B 186 26.18 -16.36 10.74
CA GLU B 186 26.16 -17.56 9.90
C GLU B 186 24.97 -17.57 8.96
N TRP B 187 23.85 -16.96 9.36
CA TRP B 187 22.70 -16.78 8.49
C TRP B 187 22.70 -15.44 7.78
N GLU B 188 23.78 -14.66 7.91
CA GLU B 188 23.89 -13.33 7.31
C GLU B 188 22.75 -12.42 7.79
N LEU B 189 22.41 -12.53 9.07
CA LEU B 189 21.29 -11.80 9.64
C LEU B 189 21.72 -10.76 10.67
N ASP B 190 23.03 -10.55 10.85
CA ASP B 190 23.51 -9.55 11.80
C ASP B 190 23.15 -8.17 11.26
N GLY B 191 22.09 -7.58 11.81
CA GLY B 191 21.58 -6.30 11.35
C GLY B 191 20.21 -6.36 10.72
N THR B 192 19.70 -7.55 10.42
CA THR B 192 18.38 -7.69 9.81
C THR B 192 17.29 -7.30 10.82
N ALA B 193 16.27 -6.59 10.32
CA ALA B 193 15.20 -6.13 11.18
C ALA B 193 14.39 -7.30 11.73
N ALA B 194 14.20 -7.31 13.04
CA ALA B 194 13.38 -8.32 13.72
C ALA B 194 12.07 -7.77 14.24
N VAL B 195 12.07 -6.55 14.78
CA VAL B 195 10.86 -5.89 15.27
C VAL B 195 10.89 -4.45 14.76
N THR B 196 9.83 -4.05 14.06
CA THR B 196 9.71 -2.71 13.51
C THR B 196 8.32 -2.16 13.79
N ARG B 197 8.20 -0.84 13.75
CA ARG B 197 6.91 -0.17 13.81
C ARG B 197 6.91 0.96 12.79
N ASN B 198 5.73 1.24 12.23
CA ASN B 198 5.61 2.21 11.16
C ASN B 198 4.31 2.99 11.36
N PRO B 199 4.36 4.32 11.28
CA PRO B 199 3.12 5.11 11.35
C PRO B 199 2.31 4.96 10.07
N TYR B 200 1.00 4.80 10.24
CA TYR B 200 0.08 4.67 9.12
C TYR B 200 -1.16 5.50 9.44
N GLY B 201 -1.29 6.64 8.77
CA GLY B 201 -2.37 7.55 9.12
C GLY B 201 -2.19 8.07 10.52
N SER B 202 -3.27 8.06 11.30
CA SER B 202 -3.21 8.44 12.70
C SER B 202 -2.72 7.31 13.60
N GLY B 203 -2.46 6.13 13.04
CA GLY B 203 -2.13 4.97 13.85
C GLY B 203 -0.75 4.40 13.60
N GLU B 204 -0.61 3.09 13.81
CA GLU B 204 0.69 2.45 13.89
C GLU B 204 0.57 0.99 13.47
N ALA B 205 1.66 0.43 12.96
CA ALA B 205 1.71 -0.96 12.56
C ALA B 205 3.05 -1.54 12.95
N TYR B 206 3.02 -2.56 13.81
CA TYR B 206 4.22 -3.26 14.25
C TYR B 206 4.40 -4.54 13.43
N PHE B 207 5.66 -4.92 13.23
CA PHE B 207 6.01 -6.18 12.59
C PHE B 207 6.91 -6.97 13.53
N VAL B 208 6.49 -8.18 13.86
CA VAL B 208 7.26 -9.09 14.70
C VAL B 208 7.69 -10.25 13.81
N GLY B 209 8.96 -10.24 13.41
CA GLY B 209 9.46 -11.17 12.42
C GLY B 209 9.99 -12.49 12.92
N CYS B 210 9.92 -12.75 14.23
CA CYS B 210 10.43 -13.99 14.78
C CYS B 210 9.50 -14.49 15.87
N ASP B 211 9.61 -15.78 16.17
CA ASP B 211 8.84 -16.39 17.24
C ASP B 211 9.59 -16.26 18.55
N LEU B 212 8.90 -15.76 19.58
CA LEU B 212 9.45 -15.62 20.91
C LEU B 212 8.65 -16.46 21.90
N ASP B 213 9.34 -16.98 22.91
CA ASP B 213 8.62 -17.67 23.98
C ASP B 213 7.92 -16.64 24.87
N VAL B 214 7.07 -17.15 25.77
CA VAL B 214 6.23 -16.28 26.58
C VAL B 214 7.09 -15.32 27.41
N ALA B 215 8.22 -15.81 27.92
CA ALA B 215 9.09 -14.96 28.74
C ALA B 215 9.62 -13.79 27.93
N ASP B 216 10.20 -14.06 26.76
CA ASP B 216 10.72 -12.98 25.92
C ASP B 216 9.59 -12.16 25.31
N LEU B 217 8.46 -12.80 24.98
CA LEU B 217 7.34 -12.07 24.42
C LEU B 217 6.73 -11.12 25.45
N THR B 218 6.80 -11.48 26.74
CA THR B 218 6.35 -10.57 27.79
C THR B 218 7.23 -9.33 27.85
N LYS B 219 8.54 -9.49 27.64
CA LYS B 219 9.43 -8.34 27.56
C LYS B 219 9.01 -7.39 26.46
N LEU B 220 8.70 -7.92 25.28
CA LEU B 220 8.27 -7.08 24.17
C LEU B 220 6.99 -6.33 24.49
N VAL B 221 6.01 -7.03 25.07
CA VAL B 221 4.72 -6.41 25.37
C VAL B 221 4.90 -5.30 26.39
N ARG B 222 5.64 -5.59 27.46
CA ARG B 222 5.79 -4.61 28.54
C ARG B 222 6.55 -3.38 28.07
N ALA B 223 7.48 -3.53 27.12
CA ALA B 223 8.28 -2.41 26.65
C ALA B 223 7.50 -1.51 25.70
N TYR B 224 6.65 -2.10 24.84
CA TYR B 224 6.03 -1.33 23.76
C TYR B 224 4.51 -1.40 23.73
N LEU B 225 3.89 -2.49 24.19
CA LEU B 225 2.47 -2.70 23.98
C LEU B 225 1.65 -2.73 25.28
N ALA B 226 2.23 -2.35 26.41
CA ALA B 226 1.53 -2.40 27.69
C ALA B 226 0.91 -1.05 28.00
N ALA B 227 0.22 -0.99 29.14
CA ALA B 227 -0.42 0.24 29.60
C ALA B 227 0.47 1.00 30.56
#